data_2N5S
#
_entry.id   2N5S
#
_entity_poly.entity_id   1
_entity_poly.type   'polypeptide(L)'
_entity_poly.pdbx_seq_one_letter_code
;GSCKIPSIATGMVGALLLLLVVALGIGLFMRRRHIVRKRTLRRLLQERELVEGG
;
_entity_poly.pdbx_strand_id   A
#
# COMPACT_ATOMS: atom_id res chain seq x y z
N GLY A 1 -6.38 27.31 31.99
CA GLY A 1 -6.87 26.70 30.77
C GLY A 1 -5.76 26.32 29.82
N SER A 2 -4.89 25.42 30.25
CA SER A 2 -3.76 24.98 29.43
C SER A 2 -4.14 23.76 28.60
N CYS A 3 -3.40 23.53 27.52
CA CYS A 3 -3.66 22.40 26.64
C CYS A 3 -2.39 21.57 26.43
N LYS A 4 -2.56 20.28 26.17
CA LYS A 4 -1.43 19.39 25.94
C LYS A 4 -1.87 18.14 25.18
N ILE A 5 -1.08 17.77 24.18
CA ILE A 5 -1.38 16.58 23.38
C ILE A 5 -0.83 15.32 24.02
N PRO A 6 -1.66 14.27 24.06
CA PRO A 6 -1.27 12.98 24.64
C PRO A 6 -0.24 12.25 23.80
N SER A 7 0.11 11.03 24.21
CA SER A 7 1.09 10.23 23.50
C SER A 7 0.41 9.12 22.69
N ILE A 8 -0.72 8.64 23.21
CA ILE A 8 -1.46 7.58 22.54
C ILE A 8 -1.89 8.00 21.15
N ALA A 9 -1.87 9.31 20.89
CA ALA A 9 -2.25 9.84 19.58
C ALA A 9 -1.02 10.16 18.75
N THR A 10 0.10 10.39 19.41
CA THR A 10 1.35 10.71 18.73
C THR A 10 1.81 9.56 17.84
N GLY A 11 1.96 8.39 18.45
CA GLY A 11 2.40 7.21 17.70
C GLY A 11 1.60 7.01 16.43
N MET A 12 0.29 7.20 16.52
CA MET A 12 -0.59 7.03 15.38
C MET A 12 -0.24 8.03 14.27
N VAL A 13 -0.08 9.29 14.65
CA VAL A 13 0.25 10.34 13.70
C VAL A 13 1.52 10.00 12.93
N GLY A 14 2.61 9.80 13.66
CA GLY A 14 3.87 9.46 13.03
C GLY A 14 3.74 8.32 12.05
N ALA A 15 3.02 7.28 12.43
CA ALA A 15 2.82 6.13 11.56
C ALA A 15 1.90 6.47 10.39
N LEU A 16 0.92 7.34 10.64
CA LEU A 16 -0.02 7.75 9.61
C LEU A 16 0.70 8.38 8.42
N LEU A 17 1.59 9.32 8.73
CA LEU A 17 2.35 10.01 7.69
C LEU A 17 3.33 9.05 7.01
N LEU A 18 4.09 8.31 7.82
CA LEU A 18 5.05 7.35 7.29
C LEU A 18 4.41 6.43 6.26
N LEU A 19 3.37 5.72 6.68
CA LEU A 19 2.67 4.80 5.80
C LEU A 19 2.18 5.52 4.55
N LEU A 20 1.66 6.73 4.73
CA LEU A 20 1.15 7.52 3.62
C LEU A 20 2.24 7.73 2.57
N VAL A 21 3.41 8.19 3.01
CA VAL A 21 4.53 8.44 2.11
C VAL A 21 5.04 7.14 1.51
N VAL A 22 5.23 6.13 2.35
CA VAL A 22 5.72 4.83 1.90
C VAL A 22 4.84 4.27 0.79
N ALA A 23 3.55 4.13 1.08
CA ALA A 23 2.60 3.60 0.10
C ALA A 23 2.52 4.51 -1.13
N LEU A 24 2.67 5.82 -0.90
CA LEU A 24 2.61 6.79 -1.98
C LEU A 24 3.76 6.60 -2.96
N GLY A 25 4.99 6.72 -2.45
CA GLY A 25 6.16 6.54 -3.29
C GLY A 25 6.13 5.24 -4.07
N ILE A 26 5.84 4.15 -3.37
CA ILE A 26 5.78 2.83 -4.00
C ILE A 26 4.63 2.75 -4.99
N GLY A 27 3.48 3.30 -4.60
CA GLY A 27 2.31 3.28 -5.46
C GLY A 27 2.53 4.04 -6.76
N LEU A 28 3.03 5.26 -6.64
CA LEU A 28 3.29 6.10 -7.80
C LEU A 28 4.37 5.49 -8.69
N PHE A 29 5.30 4.76 -8.07
CA PHE A 29 6.38 4.12 -8.80
C PHE A 29 5.87 2.89 -9.54
N MET A 30 5.10 2.06 -8.85
CA MET A 30 4.55 0.86 -9.46
C MET A 30 3.46 1.19 -10.47
N ARG A 31 3.00 2.43 -10.43
CA ARG A 31 1.96 2.89 -11.34
C ARG A 31 2.52 3.12 -12.74
N ARG A 32 3.83 3.04 -12.87
CA ARG A 32 4.50 3.25 -14.15
C ARG A 32 4.51 1.95 -14.96
N ARG A 33 4.76 0.84 -14.29
CA ARG A 33 4.81 -0.47 -14.95
C ARG A 33 3.42 -1.10 -15.00
N HIS A 34 2.61 -0.81 -13.98
CA HIS A 34 1.26 -1.35 -13.90
C HIS A 34 0.40 -0.85 -15.06
N ILE A 35 0.88 0.19 -15.74
CA ILE A 35 0.16 0.75 -16.87
C ILE A 35 -0.23 -0.33 -17.87
N VAL A 36 0.55 -1.40 -17.92
CA VAL A 36 0.29 -2.50 -18.83
C VAL A 36 -0.99 -3.24 -18.45
N ARG A 37 -1.59 -3.92 -19.41
CA ARG A 37 -2.82 -4.67 -19.16
C ARG A 37 -2.67 -5.58 -17.95
N LYS A 38 -3.28 -5.17 -16.84
CA LYS A 38 -3.22 -5.94 -15.61
C LYS A 38 -3.84 -7.32 -15.80
N ARG A 39 -4.72 -7.44 -16.79
CA ARG A 39 -5.38 -8.71 -17.07
C ARG A 39 -4.36 -9.80 -17.39
N THR A 40 -3.27 -9.41 -18.04
CA THR A 40 -2.22 -10.35 -18.40
C THR A 40 -1.77 -11.17 -17.20
N LEU A 41 -1.34 -10.46 -16.15
CA LEU A 41 -0.87 -11.13 -14.93
C LEU A 41 -1.99 -11.98 -14.32
N ARG A 42 -3.20 -11.43 -14.29
CA ARG A 42 -4.35 -12.12 -13.73
C ARG A 42 -4.49 -13.51 -14.34
N ARG A 43 -4.20 -13.60 -15.64
CA ARG A 43 -4.30 -14.88 -16.35
C ARG A 43 -3.21 -15.84 -15.90
N LEU A 44 -2.04 -15.30 -15.60
CA LEU A 44 -0.91 -16.12 -15.15
C LEU A 44 -1.18 -16.71 -13.77
N LEU A 45 -1.48 -15.85 -12.81
CA LEU A 45 -1.76 -16.29 -11.45
C LEU A 45 -2.86 -17.34 -11.43
N GLN A 46 -3.94 -17.07 -12.16
CA GLN A 46 -5.06 -18.00 -12.23
C GLN A 46 -4.59 -19.40 -12.61
N GLU A 47 -3.64 -19.45 -13.54
CA GLU A 47 -3.10 -20.74 -14.00
C GLU A 47 -2.10 -21.30 -12.99
N ARG A 48 -1.45 -20.41 -12.25
CA ARG A 48 -0.47 -20.81 -11.25
C ARG A 48 -1.14 -21.50 -10.07
N GLU A 49 -2.38 -21.10 -9.78
CA GLU A 49 -3.13 -21.67 -8.67
C GLU A 49 -2.29 -21.70 -7.40
N LEU A 50 -1.78 -20.53 -7.01
CA LEU A 50 -0.95 -20.43 -5.82
C LEU A 50 -1.67 -19.61 -4.73
N VAL A 51 -2.52 -18.69 -5.17
CA VAL A 51 -3.27 -17.86 -4.24
C VAL A 51 -4.75 -17.84 -4.57
N GLU A 52 -5.53 -18.61 -3.81
CA GLU A 52 -6.97 -18.68 -4.04
C GLU A 52 -7.27 -19.27 -5.41
N GLY A 53 -6.70 -20.43 -5.69
CA GLY A 53 -6.92 -21.07 -6.97
C GLY A 53 -6.76 -22.57 -6.90
N GLY A 54 -7.76 -23.30 -7.41
CA GLY A 54 -7.70 -24.75 -7.39
C GLY A 54 -9.01 -25.37 -6.95
N GLY A 1 4.55 25.85 16.14
CA GLY A 1 4.41 25.69 17.57
C GLY A 1 5.16 24.48 18.10
N SER A 2 4.58 23.30 17.91
CA SER A 2 5.20 22.07 18.37
C SER A 2 5.56 22.17 19.86
N CYS A 3 4.75 22.91 20.61
CA CYS A 3 4.99 23.08 22.04
C CYS A 3 3.70 22.88 22.83
N LYS A 4 3.83 22.73 24.14
CA LYS A 4 2.69 22.52 25.01
C LYS A 4 1.82 21.37 24.51
N ILE A 5 2.46 20.39 23.87
CA ILE A 5 1.75 19.23 23.35
C ILE A 5 1.49 18.20 24.43
N PRO A 6 0.25 17.69 24.48
CA PRO A 6 -0.15 16.68 25.47
C PRO A 6 0.51 15.33 25.21
N SER A 7 0.03 14.30 25.91
CA SER A 7 0.58 12.96 25.77
C SER A 7 -0.43 12.03 25.12
N ILE A 8 -1.71 12.24 25.42
CA ILE A 8 -2.78 11.43 24.86
C ILE A 8 -2.94 11.69 23.37
N ALA A 9 -2.31 12.75 22.89
CA ALA A 9 -2.39 13.12 21.48
C ALA A 9 -1.13 12.68 20.73
N THR A 10 -0.11 12.29 21.49
CA THR A 10 1.16 11.86 20.90
C THR A 10 0.97 10.61 20.06
N GLY A 11 0.42 9.56 20.67
CA GLY A 11 0.19 8.32 19.96
C GLY A 11 -0.51 8.53 18.63
N MET A 12 -1.52 9.39 18.63
CA MET A 12 -2.27 9.68 17.41
C MET A 12 -1.36 10.29 16.34
N VAL A 13 -0.56 11.26 16.74
CA VAL A 13 0.36 11.92 15.81
C VAL A 13 1.29 10.92 15.15
N GLY A 14 2.03 10.18 15.96
CA GLY A 14 2.95 9.19 15.43
C GLY A 14 2.30 8.27 14.42
N ALA A 15 1.08 7.82 14.73
CA ALA A 15 0.35 6.92 13.85
C ALA A 15 -0.16 7.67 12.62
N LEU A 16 -0.51 8.93 12.81
CA LEU A 16 -1.01 9.76 11.71
C LEU A 16 0.01 9.85 10.59
N LEU A 17 1.25 10.17 10.95
CA LEU A 17 2.33 10.29 9.98
C LEU A 17 2.66 8.93 9.37
N LEU A 18 2.85 7.93 10.22
CA LEU A 18 3.16 6.59 9.78
C LEU A 18 2.21 6.12 8.69
N LEU A 19 0.91 6.09 9.02
CA LEU A 19 -0.11 5.67 8.07
C LEU A 19 -0.04 6.49 6.80
N LEU A 20 0.13 7.80 6.96
CA LEU A 20 0.21 8.71 5.81
C LEU A 20 1.30 8.26 4.84
N VAL A 21 2.50 8.03 5.38
CA VAL A 21 3.63 7.60 4.57
C VAL A 21 3.40 6.21 3.99
N VAL A 22 2.97 5.29 4.85
CA VAL A 22 2.69 3.92 4.43
C VAL A 22 1.72 3.88 3.25
N ALA A 23 0.55 4.47 3.46
CA ALA A 23 -0.47 4.51 2.41
C ALA A 23 0.02 5.27 1.19
N LEU A 24 0.84 6.29 1.42
CA LEU A 24 1.38 7.11 0.34
C LEU A 24 2.30 6.27 -0.55
N GLY A 25 3.36 5.74 0.04
CA GLY A 25 4.30 4.92 -0.73
C GLY A 25 3.62 3.82 -1.49
N ILE A 26 2.74 3.09 -0.82
CA ILE A 26 2.01 1.99 -1.46
C ILE A 26 1.05 2.51 -2.52
N GLY A 27 0.36 3.60 -2.21
CA GLY A 27 -0.58 4.17 -3.15
C GLY A 27 0.10 4.64 -4.43
N LEU A 28 1.17 5.39 -4.28
CA LEU A 28 1.92 5.91 -5.42
C LEU A 28 2.54 4.77 -6.23
N PHE A 29 2.90 3.70 -5.54
CA PHE A 29 3.50 2.53 -6.19
C PHE A 29 2.45 1.74 -6.95
N MET A 30 1.31 1.49 -6.31
CA MET A 30 0.23 0.73 -6.93
C MET A 30 -0.46 1.56 -8.01
N ARG A 31 -0.12 2.84 -8.08
CA ARG A 31 -0.71 3.74 -9.06
C ARG A 31 0.05 3.65 -10.39
N ARG A 32 1.16 2.93 -10.38
CA ARG A 32 1.97 2.77 -11.58
C ARG A 32 2.05 1.30 -12.00
N ARG A 33 2.20 0.42 -11.01
CA ARG A 33 2.28 -1.01 -11.28
C ARG A 33 0.99 -1.52 -11.91
N HIS A 34 -0.13 -0.93 -11.51
CA HIS A 34 -1.43 -1.33 -12.03
C HIS A 34 -1.66 -0.73 -13.42
N ILE A 35 -0.85 0.25 -13.79
CA ILE A 35 -0.96 0.90 -15.09
C ILE A 35 -0.56 -0.04 -16.21
N VAL A 36 0.26 -1.04 -15.87
CA VAL A 36 0.71 -2.02 -16.86
C VAL A 36 -0.44 -2.87 -17.35
N ARG A 37 -0.26 -3.47 -18.53
CA ARG A 37 -1.28 -4.32 -19.12
C ARG A 37 -1.84 -5.31 -18.09
N LYS A 38 -3.08 -5.05 -17.66
CA LYS A 38 -3.72 -5.91 -16.68
C LYS A 38 -3.90 -7.33 -17.22
N ARG A 39 -3.84 -7.46 -18.54
CA ARG A 39 -3.98 -8.76 -19.18
C ARG A 39 -2.98 -9.76 -18.61
N THR A 40 -1.80 -9.27 -18.26
CA THR A 40 -0.76 -10.12 -17.71
C THR A 40 -1.28 -10.95 -16.53
N LEU A 41 -2.22 -10.38 -15.79
CA LEU A 41 -2.80 -11.06 -14.64
C LEU A 41 -3.67 -12.23 -15.10
N ARG A 42 -4.35 -12.07 -16.23
CA ARG A 42 -5.21 -13.12 -16.76
C ARG A 42 -4.37 -14.27 -17.31
N ARG A 43 -3.27 -13.94 -17.98
CA ARG A 43 -2.40 -14.95 -18.56
C ARG A 43 -1.58 -15.65 -17.48
N LEU A 44 -1.06 -14.86 -16.54
CA LEU A 44 -0.25 -15.41 -15.45
C LEU A 44 -1.02 -16.48 -14.69
N LEU A 45 -2.32 -16.25 -14.49
CA LEU A 45 -3.17 -17.20 -13.78
C LEU A 45 -3.29 -18.51 -14.55
N GLN A 46 -3.43 -18.40 -15.87
CA GLN A 46 -3.56 -19.57 -16.73
C GLN A 46 -2.38 -20.53 -16.52
N GLU A 47 -1.20 -19.96 -16.28
CA GLU A 47 0.00 -20.76 -16.07
C GLU A 47 0.03 -21.32 -14.66
N ARG A 48 -0.37 -20.50 -13.69
CA ARG A 48 -0.38 -20.92 -12.29
C ARG A 48 -1.36 -22.07 -12.08
N GLU A 49 -2.38 -22.14 -12.93
CA GLU A 49 -3.38 -23.19 -12.84
C GLU A 49 -3.00 -24.39 -13.70
N LEU A 50 -2.21 -24.12 -14.74
CA LEU A 50 -1.77 -25.18 -15.66
C LEU A 50 -0.90 -26.20 -14.94
N VAL A 51 -0.16 -25.73 -13.93
CA VAL A 51 0.72 -26.60 -13.16
C VAL A 51 -0.06 -27.36 -12.10
N GLU A 52 -1.05 -26.70 -11.50
CA GLU A 52 -1.88 -27.32 -10.47
C GLU A 52 -1.01 -27.93 -9.38
N GLY A 53 0.10 -27.26 -9.07
CA GLY A 53 1.00 -27.73 -8.04
C GLY A 53 1.75 -28.99 -8.46
N GLY A 54 3.08 -28.86 -8.59
CA GLY A 54 3.88 -29.99 -8.99
C GLY A 54 5.37 -29.67 -9.01
N GLY A 1 -8.93 16.26 17.04
CA GLY A 1 -9.93 17.07 17.70
C GLY A 1 -9.79 17.08 19.21
N SER A 2 -8.72 17.71 19.69
CA SER A 2 -8.46 17.78 21.12
C SER A 2 -7.78 19.10 21.49
N CYS A 3 -8.17 19.67 22.62
CA CYS A 3 -7.60 20.93 23.09
C CYS A 3 -6.08 20.84 23.18
N LYS A 4 -5.59 19.62 23.42
CA LYS A 4 -4.15 19.40 23.52
C LYS A 4 -3.79 17.97 23.15
N ILE A 5 -2.79 17.81 22.29
CA ILE A 5 -2.35 16.49 21.86
C ILE A 5 -1.50 15.82 22.93
N PRO A 6 -1.78 14.53 23.19
CA PRO A 6 -1.06 13.75 24.20
C PRO A 6 0.37 13.44 23.78
N SER A 7 1.01 12.51 24.48
CA SER A 7 2.38 12.14 24.17
C SER A 7 2.45 10.69 23.68
N ILE A 8 1.57 9.85 24.22
CA ILE A 8 1.53 8.44 23.82
C ILE A 8 0.98 8.28 22.42
N ALA A 9 0.44 9.37 21.87
CA ALA A 9 -0.12 9.35 20.53
C ALA A 9 0.81 10.02 19.53
N THR A 10 1.87 10.65 20.05
CA THR A 10 2.83 11.34 19.20
C THR A 10 3.55 10.37 18.27
N GLY A 11 4.15 9.34 18.85
CA GLY A 11 4.86 8.35 18.07
C GLY A 11 4.03 7.84 16.89
N MET A 12 2.76 7.57 17.15
CA MET A 12 1.86 7.07 16.10
C MET A 12 1.72 8.09 14.99
N VAL A 13 1.47 9.34 15.35
CA VAL A 13 1.30 10.41 14.38
C VAL A 13 2.51 10.49 13.44
N GLY A 14 3.68 10.68 14.02
CA GLY A 14 4.89 10.76 13.22
C GLY A 14 5.03 9.61 12.25
N ALA A 15 4.74 8.40 12.72
CA ALA A 15 4.83 7.21 11.89
C ALA A 15 3.73 7.19 10.84
N LEU A 16 2.55 7.68 11.20
CA LEU A 16 1.42 7.72 10.29
C LEU A 16 1.75 8.53 9.05
N LEU A 17 2.28 9.73 9.25
CA LEU A 17 2.65 10.60 8.13
C LEU A 17 3.82 10.02 7.35
N LEU A 18 4.86 9.60 8.06
CA LEU A 18 6.04 9.01 7.43
C LEU A 18 5.64 7.90 6.47
N LEU A 19 4.97 6.88 7.00
CA LEU A 19 4.53 5.75 6.18
C LEU A 19 3.71 6.23 4.98
N LEU A 20 2.81 7.17 5.23
CA LEU A 20 1.96 7.72 4.18
C LEU A 20 2.81 8.23 3.01
N VAL A 21 3.80 9.06 3.34
CA VAL A 21 4.68 9.62 2.31
C VAL A 21 5.55 8.54 1.68
N VAL A 22 6.14 7.70 2.52
CA VAL A 22 7.00 6.62 2.03
C VAL A 22 6.27 5.76 1.02
N ALA A 23 5.13 5.19 1.43
CA ALA A 23 4.34 4.34 0.56
C ALA A 23 3.85 5.12 -0.66
N LEU A 24 3.57 6.40 -0.46
CA LEU A 24 3.08 7.25 -1.56
C LEU A 24 4.14 7.40 -2.63
N GLY A 25 5.31 7.93 -2.26
CA GLY A 25 6.39 8.13 -3.20
C GLY A 25 6.73 6.86 -3.96
N ILE A 26 6.89 5.76 -3.22
CA ILE A 26 7.22 4.48 -3.84
C ILE A 26 6.08 3.97 -4.69
N GLY A 27 4.85 4.13 -4.20
CA GLY A 27 3.69 3.68 -4.94
C GLY A 27 3.52 4.41 -6.26
N LEU A 28 3.59 5.74 -6.21
CA LEU A 28 3.44 6.55 -7.41
C LEU A 28 4.58 6.29 -8.39
N PHE A 29 5.75 5.95 -7.85
CA PHE A 29 6.92 5.67 -8.67
C PHE A 29 6.80 4.31 -9.34
N MET A 30 6.43 3.30 -8.55
CA MET A 30 6.28 1.94 -9.06
C MET A 30 5.04 1.82 -9.93
N ARG A 31 4.13 2.78 -9.79
CA ARG A 31 2.89 2.77 -10.57
C ARG A 31 3.19 2.63 -12.06
N ARG A 32 4.29 3.23 -12.50
CA ARG A 32 4.68 3.17 -13.91
C ARG A 32 4.68 1.72 -14.40
N ARG A 33 5.18 0.82 -13.58
CA ARG A 33 5.25 -0.59 -13.93
C ARG A 33 3.86 -1.22 -13.91
N HIS A 34 3.03 -0.75 -13.00
CA HIS A 34 1.66 -1.27 -12.86
C HIS A 34 0.78 -0.79 -14.02
N ILE A 35 1.27 0.21 -14.75
CA ILE A 35 0.53 0.75 -15.88
C ILE A 35 0.08 -0.36 -16.83
N VAL A 36 0.85 -1.45 -16.86
CA VAL A 36 0.53 -2.57 -17.72
C VAL A 36 -0.77 -3.24 -17.30
N ARG A 37 -1.41 -3.94 -18.25
CA ARG A 37 -2.66 -4.62 -17.98
C ARG A 37 -2.57 -5.44 -16.69
N LYS A 38 -3.19 -4.93 -15.62
CA LYS A 38 -3.19 -5.62 -14.33
C LYS A 38 -3.87 -6.98 -14.44
N ARG A 39 -4.70 -7.14 -15.46
CA ARG A 39 -5.43 -8.39 -15.66
C ARG A 39 -4.45 -9.57 -15.77
N THR A 40 -3.27 -9.30 -16.33
CA THR A 40 -2.26 -10.33 -16.50
C THR A 40 -1.99 -11.06 -15.18
N LEU A 41 -2.12 -10.32 -14.08
CA LEU A 41 -1.88 -10.89 -12.76
C LEU A 41 -2.94 -11.93 -12.41
N ARG A 42 -4.19 -11.63 -12.75
CA ARG A 42 -5.30 -12.54 -12.47
C ARG A 42 -5.25 -13.74 -13.41
N ARG A 43 -4.83 -13.51 -14.65
CA ARG A 43 -4.74 -14.57 -15.64
C ARG A 43 -3.55 -15.49 -15.36
N LEU A 44 -2.40 -14.88 -15.07
CA LEU A 44 -1.19 -15.65 -14.77
C LEU A 44 -1.44 -16.68 -13.68
N LEU A 45 -2.16 -16.27 -12.64
CA LEU A 45 -2.48 -17.14 -11.53
C LEU A 45 -3.23 -18.37 -12.01
N GLN A 46 -3.99 -18.21 -13.09
CA GLN A 46 -4.78 -19.31 -13.65
C GLN A 46 -3.91 -20.21 -14.52
N GLU A 47 -2.83 -19.63 -15.06
CA GLU A 47 -1.91 -20.39 -15.91
C GLU A 47 -0.99 -21.26 -15.07
N ARG A 48 -0.45 -20.68 -14.00
CA ARG A 48 0.46 -21.41 -13.12
C ARG A 48 -0.32 -22.32 -12.17
N GLU A 49 -1.29 -21.74 -11.46
CA GLU A 49 -2.10 -22.48 -10.51
C GLU A 49 -3.46 -22.84 -11.12
N LEU A 50 -3.88 -24.08 -10.91
CA LEU A 50 -5.16 -24.56 -11.44
C LEU A 50 -6.32 -23.78 -10.82
N VAL A 51 -6.51 -23.96 -9.51
CA VAL A 51 -7.59 -23.29 -8.80
C VAL A 51 -7.19 -23.00 -7.36
N GLU A 52 -6.99 -21.73 -7.05
CA GLU A 52 -6.61 -21.32 -5.69
C GLU A 52 -7.60 -21.85 -4.67
N GLY A 53 -8.90 -21.67 -4.96
CA GLY A 53 -9.93 -22.14 -4.04
C GLY A 53 -11.28 -21.54 -4.36
N GLY A 54 -11.29 -20.32 -4.88
CA GLY A 54 -12.52 -19.65 -5.21
C GLY A 54 -12.90 -18.57 -4.21
N GLY A 1 -6.04 26.64 31.93
CA GLY A 1 -4.78 25.94 32.14
C GLY A 1 -3.81 26.14 30.99
N SER A 2 -3.32 25.05 30.43
CA SER A 2 -2.37 25.11 29.32
C SER A 2 -2.63 23.99 28.32
N CYS A 3 -2.67 24.35 27.04
CA CYS A 3 -2.92 23.38 25.98
C CYS A 3 -1.60 22.88 25.39
N LYS A 4 -1.59 21.61 25.00
CA LYS A 4 -0.40 21.00 24.42
C LYS A 4 -0.67 19.57 23.97
N ILE A 5 -0.06 19.17 22.86
CA ILE A 5 -0.25 17.83 22.33
C ILE A 5 0.11 16.77 23.37
N PRO A 6 -0.76 15.76 23.51
CA PRO A 6 -0.56 14.66 24.46
C PRO A 6 0.60 13.76 24.07
N SER A 7 0.71 12.61 24.75
CA SER A 7 1.77 11.66 24.47
C SER A 7 1.21 10.38 23.85
N ILE A 8 0.01 10.00 24.30
CA ILE A 8 -0.64 8.80 23.79
C ILE A 8 -1.07 8.97 22.34
N ALA A 9 -1.04 10.21 21.86
CA ALA A 9 -1.42 10.52 20.50
C ALA A 9 -0.19 10.71 19.61
N THR A 10 0.97 10.81 20.23
CA THR A 10 2.22 10.99 19.50
C THR A 10 2.51 9.80 18.61
N GLY A 11 2.55 8.61 19.20
CA GLY A 11 2.83 7.40 18.45
C GLY A 11 1.95 7.29 17.20
N MET A 12 0.68 7.62 17.34
CA MET A 12 -0.26 7.56 16.23
C MET A 12 0.15 8.52 15.12
N VAL A 13 0.50 9.75 15.50
CA VAL A 13 0.91 10.76 14.54
C VAL A 13 2.10 10.28 13.71
N GLY A 14 3.19 9.94 14.40
CA GLY A 14 4.38 9.47 13.72
C GLY A 14 4.08 8.37 12.73
N ALA A 15 3.25 7.43 13.13
CA ALA A 15 2.88 6.31 12.27
C ALA A 15 1.96 6.76 11.14
N LEU A 16 1.11 7.73 11.44
CA LEU A 16 0.17 8.26 10.45
C LEU A 16 0.91 8.83 9.25
N LEU A 17 1.92 9.65 9.51
CA LEU A 17 2.70 10.25 8.44
C LEU A 17 3.54 9.20 7.72
N LEU A 18 4.24 8.37 8.49
CA LEU A 18 5.07 7.31 7.92
C LEU A 18 4.28 6.48 6.91
N LEU A 19 3.19 5.88 7.36
CA LEU A 19 2.36 5.06 6.50
C LEU A 19 1.90 5.83 5.27
N LEU A 20 1.49 7.08 5.48
CA LEU A 20 1.04 7.93 4.40
C LEU A 20 2.10 8.03 3.31
N VAL A 21 3.33 8.36 3.71
CA VAL A 21 4.44 8.48 2.77
C VAL A 21 4.78 7.13 2.15
N VAL A 22 4.89 6.11 2.97
CA VAL A 22 5.21 4.77 2.51
C VAL A 22 4.23 4.32 1.43
N ALA A 23 2.94 4.32 1.76
CA ALA A 23 1.92 3.91 0.81
C ALA A 23 1.88 4.84 -0.39
N LEU A 24 2.18 6.11 -0.16
CA LEU A 24 2.19 7.09 -1.24
C LEU A 24 3.27 6.78 -2.27
N GLY A 25 4.53 6.75 -1.81
CA GLY A 25 5.63 6.45 -2.71
C GLY A 25 5.42 5.17 -3.49
N ILE A 26 5.05 4.11 -2.77
CA ILE A 26 4.82 2.81 -3.41
C ILE A 26 3.63 2.86 -4.35
N GLY A 27 2.57 3.54 -3.91
CA GLY A 27 1.38 3.65 -4.73
C GLY A 27 1.63 4.38 -6.04
N LEU A 28 2.25 5.55 -5.94
CA LEU A 28 2.55 6.35 -7.12
C LEU A 28 3.53 5.62 -8.03
N PHE A 29 4.39 4.79 -7.45
CA PHE A 29 5.37 4.03 -8.21
C PHE A 29 4.70 2.89 -8.96
N MET A 30 3.83 2.16 -8.27
CA MET A 30 3.12 1.04 -8.87
C MET A 30 2.07 1.53 -9.87
N ARG A 31 1.82 2.84 -9.86
CA ARG A 31 0.85 3.42 -10.76
C ARG A 31 1.37 3.46 -12.19
N ARG A 32 2.64 3.11 -12.36
CA ARG A 32 3.26 3.11 -13.68
C ARG A 32 3.46 1.68 -14.18
N ARG A 33 3.89 0.80 -13.28
CA ARG A 33 4.13 -0.60 -13.63
C ARG A 33 2.81 -1.31 -13.93
N HIS A 34 1.76 -0.91 -13.22
CA HIS A 34 0.44 -1.51 -13.41
C HIS A 34 -0.20 -1.05 -14.72
N ILE A 35 0.36 0.03 -15.28
CA ILE A 35 -0.15 0.58 -16.53
C ILE A 35 -0.13 -0.46 -17.64
N VAL A 36 0.75 -1.45 -17.50
CA VAL A 36 0.88 -2.51 -18.50
C VAL A 36 -0.37 -3.39 -18.52
N ARG A 37 -0.57 -4.09 -19.63
CA ARG A 37 -1.73 -4.96 -19.78
C ARG A 37 -1.96 -5.78 -18.51
N LYS A 38 -3.01 -5.43 -17.78
CA LYS A 38 -3.35 -6.13 -16.54
C LYS A 38 -3.58 -7.61 -16.80
N ARG A 39 -3.90 -7.94 -18.05
CA ARG A 39 -4.16 -9.33 -18.42
C ARG A 39 -2.96 -10.21 -18.09
N THR A 40 -1.77 -9.64 -18.21
CA THR A 40 -0.54 -10.38 -17.92
C THR A 40 -0.60 -11.04 -16.54
N LEU A 41 -1.32 -10.40 -15.61
CA LEU A 41 -1.46 -10.92 -14.27
C LEU A 41 -2.39 -12.14 -14.24
N ARG A 42 -3.40 -12.11 -15.10
CA ARG A 42 -4.36 -13.21 -15.19
C ARG A 42 -3.71 -14.46 -15.77
N ARG A 43 -2.88 -14.26 -16.80
CA ARG A 43 -2.19 -15.38 -17.44
C ARG A 43 -1.05 -15.90 -16.56
N LEU A 44 -0.25 -14.97 -16.03
CA LEU A 44 0.87 -15.34 -15.18
C LEU A 44 0.39 -16.06 -13.92
N LEU A 45 -0.75 -15.63 -13.40
CA LEU A 45 -1.32 -16.25 -12.21
C LEU A 45 -1.78 -17.67 -12.49
N GLN A 46 -2.33 -17.89 -13.67
CA GLN A 46 -2.81 -19.21 -14.06
C GLN A 46 -1.70 -20.25 -13.92
N GLU A 47 -0.48 -19.87 -14.28
CA GLU A 47 0.65 -20.78 -14.20
C GLU A 47 1.16 -20.88 -12.76
N ARG A 48 1.25 -19.74 -12.09
CA ARG A 48 1.72 -19.70 -10.71
C ARG A 48 0.87 -20.61 -9.82
N GLU A 49 -0.44 -20.42 -9.87
CA GLU A 49 -1.37 -21.23 -9.08
C GLU A 49 -1.53 -22.61 -9.67
N LEU A 50 -2.32 -23.45 -9.01
CA LEU A 50 -2.56 -24.82 -9.47
C LEU A 50 -4.01 -25.00 -9.90
N VAL A 51 -4.93 -24.84 -8.95
CA VAL A 51 -6.35 -24.99 -9.24
C VAL A 51 -7.17 -23.93 -8.50
N GLU A 52 -7.67 -22.95 -9.26
CA GLU A 52 -8.47 -21.87 -8.68
C GLU A 52 -9.94 -22.27 -8.60
N GLY A 53 -10.63 -21.73 -7.60
CA GLY A 53 -12.04 -22.04 -7.43
C GLY A 53 -12.43 -22.14 -5.97
N GLY A 54 -12.80 -21.01 -5.37
CA GLY A 54 -13.19 -20.99 -3.98
C GLY A 54 -14.66 -20.67 -3.79
N GLY A 1 -10.43 19.31 20.54
CA GLY A 1 -9.25 20.15 20.51
C GLY A 1 -8.51 20.15 21.83
N SER A 2 -7.22 19.82 21.79
CA SER A 2 -6.39 19.78 22.98
C SER A 2 -5.29 20.82 22.93
N CYS A 3 -4.92 21.37 24.09
CA CYS A 3 -3.89 22.38 24.17
C CYS A 3 -2.50 21.73 24.15
N LYS A 4 -2.42 20.50 24.65
CA LYS A 4 -1.16 19.78 24.70
C LYS A 4 -1.33 18.34 24.18
N ILE A 5 -0.76 18.07 23.01
CA ILE A 5 -0.85 16.75 22.41
C ILE A 5 -0.41 15.67 23.39
N PRO A 6 -1.20 14.59 23.48
CA PRO A 6 -0.91 13.46 24.38
C PRO A 6 0.30 12.66 23.93
N SER A 7 0.51 11.51 24.54
CA SER A 7 1.64 10.64 24.21
C SER A 7 1.16 9.36 23.54
N ILE A 8 0.01 8.87 23.97
CA ILE A 8 -0.56 7.64 23.41
C ILE A 8 -1.01 7.87 21.97
N ALA A 9 -1.08 9.13 21.56
CA ALA A 9 -1.50 9.46 20.21
C ALA A 9 -0.29 9.76 19.32
N THR A 10 0.87 9.93 19.95
CA THR A 10 2.09 10.23 19.23
C THR A 10 2.48 9.07 18.32
N GLY A 11 2.62 7.88 18.90
CA GLY A 11 2.98 6.70 18.13
C GLY A 11 2.14 6.56 16.87
N MET A 12 0.84 6.77 17.01
CA MET A 12 -0.07 6.65 15.86
C MET A 12 0.29 7.67 14.78
N VAL A 13 0.48 8.92 15.20
CA VAL A 13 0.81 9.98 14.26
C VAL A 13 2.04 9.62 13.43
N GLY A 14 3.15 9.35 14.11
CA GLY A 14 4.37 8.99 13.42
C GLY A 14 4.16 7.88 12.41
N ALA A 15 3.40 6.86 12.80
CA ALA A 15 3.12 5.73 11.92
C ALA A 15 2.20 6.15 10.77
N LEU A 16 1.27 7.04 11.08
CA LEU A 16 0.32 7.52 10.07
C LEU A 16 1.04 8.16 8.90
N LEU A 17 1.96 9.07 9.20
CA LEU A 17 2.74 9.76 8.18
C LEU A 17 3.68 8.79 7.46
N LEU A 18 4.41 8.01 8.24
CA LEU A 18 5.36 7.04 7.68
C LEU A 18 4.68 6.17 6.63
N LEU A 19 3.63 5.46 7.04
CA LEU A 19 2.90 4.59 6.14
C LEU A 19 2.41 5.36 4.91
N LEU A 20 1.88 6.55 5.14
CA LEU A 20 1.38 7.38 4.06
C LEU A 20 2.46 7.61 3.00
N VAL A 21 3.64 8.03 3.45
CA VAL A 21 4.75 8.28 2.55
C VAL A 21 5.23 6.98 1.89
N VAL A 22 5.42 5.95 2.71
CA VAL A 22 5.88 4.66 2.21
C VAL A 22 4.96 4.15 1.10
N ALA A 23 3.68 4.03 1.41
CA ALA A 23 2.70 3.55 0.43
C ALA A 23 2.62 4.49 -0.77
N LEU A 24 2.80 5.78 -0.51
CA LEU A 24 2.75 6.78 -1.57
C LEU A 24 3.88 6.58 -2.57
N GLY A 25 5.11 6.67 -2.09
CA GLY A 25 6.26 6.49 -2.95
C GLY A 25 6.19 5.20 -3.75
N ILE A 26 5.88 4.10 -3.07
CA ILE A 26 5.80 2.80 -3.73
C ILE A 26 4.62 2.75 -4.70
N GLY A 27 3.48 3.32 -4.28
CA GLY A 27 2.31 3.34 -5.13
C GLY A 27 2.53 4.13 -6.41
N LEU A 28 3.06 5.34 -6.28
CA LEU A 28 3.31 6.18 -7.43
C LEU A 28 4.37 5.56 -8.34
N PHE A 29 5.29 4.82 -7.76
CA PHE A 29 6.35 4.17 -8.51
C PHE A 29 5.81 2.95 -9.27
N MET A 30 5.02 2.13 -8.58
CA MET A 30 4.44 0.94 -9.18
C MET A 30 3.34 1.31 -10.16
N ARG A 31 2.92 2.57 -10.12
CA ARG A 31 1.86 3.05 -11.01
C ARG A 31 2.40 3.29 -12.41
N ARG A 32 3.72 3.19 -12.55
CA ARG A 32 4.37 3.40 -13.84
C ARG A 32 4.34 2.12 -14.68
N ARG A 33 4.58 0.99 -14.02
CA ARG A 33 4.59 -0.30 -14.70
C ARG A 33 3.20 -0.91 -14.72
N HIS A 34 2.42 -0.63 -13.69
CA HIS A 34 1.06 -1.15 -13.59
C HIS A 34 0.19 -0.63 -14.74
N ILE A 35 0.67 0.41 -15.41
CA ILE A 35 -0.06 1.00 -16.52
C ILE A 35 -0.49 -0.06 -17.53
N VAL A 36 0.30 -1.13 -17.62
CA VAL A 36 0.01 -2.22 -18.53
C VAL A 36 -1.28 -2.94 -18.14
N ARG A 37 -1.90 -3.60 -19.12
CA ARG A 37 -3.14 -4.33 -18.87
C ARG A 37 -3.00 -5.25 -17.67
N LYS A 38 -3.61 -4.85 -16.55
CA LYS A 38 -3.55 -5.65 -15.33
C LYS A 38 -4.19 -7.02 -15.54
N ARG A 39 -4.99 -7.14 -16.59
CA ARG A 39 -5.66 -8.40 -16.89
C ARG A 39 -4.64 -9.54 -17.02
N THR A 40 -3.45 -9.22 -17.51
CA THR A 40 -2.40 -10.21 -17.67
C THR A 40 -2.16 -10.98 -16.38
N LEU A 41 -2.28 -10.28 -15.26
CA LEU A 41 -2.08 -10.90 -13.95
C LEU A 41 -3.13 -11.97 -13.68
N ARG A 42 -4.36 -11.70 -14.12
CA ARG A 42 -5.45 -12.64 -13.93
C ARG A 42 -5.28 -13.87 -14.80
N ARG A 43 -4.77 -13.67 -16.01
CA ARG A 43 -4.54 -14.76 -16.95
C ARG A 43 -3.33 -15.60 -16.54
N LEU A 44 -2.31 -14.93 -16.00
CA LEU A 44 -1.10 -15.60 -15.56
C LEU A 44 -1.36 -16.43 -14.31
N LEU A 45 -2.18 -15.90 -13.40
CA LEU A 45 -2.50 -16.59 -12.17
C LEU A 45 -3.20 -17.92 -12.46
N GLN A 46 -4.10 -17.91 -13.45
CA GLN A 46 -4.82 -19.12 -13.83
C GLN A 46 -3.86 -20.27 -14.13
N GLU A 47 -2.73 -19.94 -14.74
CA GLU A 47 -1.73 -20.95 -15.08
C GLU A 47 -0.89 -21.31 -13.86
N ARG A 48 -0.52 -20.30 -13.09
CA ARG A 48 0.29 -20.51 -11.89
C ARG A 48 -0.38 -21.51 -10.96
N GLU A 49 -1.70 -21.39 -10.82
CA GLU A 49 -2.45 -22.27 -9.94
C GLU A 49 -1.79 -22.38 -8.57
N LEU A 50 -1.31 -21.25 -8.06
CA LEU A 50 -0.66 -21.22 -6.76
C LEU A 50 -1.44 -20.37 -5.77
N VAL A 51 -2.15 -19.37 -6.30
CA VAL A 51 -2.95 -18.48 -5.47
C VAL A 51 -4.26 -18.12 -6.15
N GLU A 52 -5.34 -18.75 -5.72
CA GLU A 52 -6.66 -18.50 -6.29
C GLU A 52 -7.59 -17.89 -5.25
N GLY A 53 -8.37 -16.89 -5.68
CA GLY A 53 -9.30 -16.24 -4.78
C GLY A 53 -8.77 -14.93 -4.25
N GLY A 54 -8.42 -14.90 -2.97
CA GLY A 54 -7.88 -13.69 -2.37
C GLY A 54 -6.37 -13.62 -2.43
N GLY A 1 -1.39 29.57 19.01
CA GLY A 1 -1.94 28.26 18.80
C GLY A 1 -0.87 27.19 18.66
N SER A 2 -1.21 25.96 19.03
CA SER A 2 -0.28 24.85 18.96
C SER A 2 1.05 25.20 19.65
N CYS A 3 0.95 25.99 20.71
CA CYS A 3 2.13 26.40 21.47
C CYS A 3 2.59 25.30 22.41
N LYS A 4 1.63 24.58 22.99
CA LYS A 4 1.93 23.50 23.90
C LYS A 4 1.19 22.21 23.50
N ILE A 5 1.93 21.26 22.94
CA ILE A 5 1.34 20.00 22.52
C ILE A 5 1.19 19.04 23.69
N PRO A 6 0.02 18.40 23.80
CA PRO A 6 -0.27 17.45 24.86
C PRO A 6 0.53 16.15 24.72
N SER A 7 0.17 15.14 25.50
CA SER A 7 0.85 13.85 25.46
C SER A 7 -0.06 12.77 24.89
N ILE A 8 -1.35 12.87 25.20
CA ILE A 8 -2.33 11.90 24.72
C ILE A 8 -2.53 12.03 23.21
N ALA A 9 -2.02 13.11 22.63
CA ALA A 9 -2.14 13.35 21.21
C ALA A 9 -0.84 12.98 20.49
N THR A 10 0.22 12.78 21.25
CA THR A 10 1.52 12.44 20.69
C THR A 10 1.45 11.10 19.95
N GLY A 11 1.02 10.06 20.66
CA GLY A 11 0.93 8.73 20.06
C GLY A 11 0.19 8.76 18.72
N MET A 12 -0.89 9.52 18.66
CA MET A 12 -1.68 9.63 17.44
C MET A 12 -0.85 10.23 16.31
N VAL A 13 -0.14 11.31 16.63
CA VAL A 13 0.69 11.99 15.64
C VAL A 13 1.71 11.03 15.03
N GLY A 14 2.54 10.44 15.89
CA GLY A 14 3.55 9.51 15.42
C GLY A 14 2.97 8.44 14.50
N ALA A 15 1.82 7.90 14.88
CA ALA A 15 1.17 6.87 14.08
C ALA A 15 0.58 7.46 12.81
N LEU A 16 0.10 8.70 12.89
CA LEU A 16 -0.49 9.37 11.73
C LEU A 16 0.51 9.47 10.59
N LEU A 17 1.72 9.93 10.91
CA LEU A 17 2.77 10.09 9.91
C LEU A 17 3.24 8.72 9.41
N LEU A 18 3.52 7.82 10.34
CA LEU A 18 3.98 6.48 10.00
C LEU A 18 3.06 5.84 8.97
N LEU A 19 1.78 5.70 9.33
CA LEU A 19 0.80 5.11 8.43
C LEU A 19 0.76 5.82 7.09
N LEU A 20 0.80 7.16 7.14
CA LEU A 20 0.78 7.96 5.92
C LEU A 20 1.92 7.56 4.98
N VAL A 21 3.13 7.49 5.52
CA VAL A 21 4.29 7.11 4.72
C VAL A 21 4.20 5.66 4.27
N VAL A 22 3.86 4.78 5.20
CA VAL A 22 3.74 3.35 4.89
C VAL A 22 2.77 3.13 3.74
N ALA A 23 1.54 3.61 3.90
CA ALA A 23 0.53 3.46 2.87
C ALA A 23 0.93 4.16 1.58
N LEU A 24 1.65 5.28 1.73
CA LEU A 24 2.10 6.05 0.58
C LEU A 24 3.10 5.25 -0.26
N GLY A 25 4.22 4.88 0.36
CA GLY A 25 5.23 4.11 -0.33
C GLY A 25 4.66 2.87 -1.01
N ILE A 26 3.86 2.11 -0.26
CA ILE A 26 3.26 0.90 -0.80
C ILE A 26 2.25 1.22 -1.89
N GLY A 27 1.45 2.27 -1.67
CA GLY A 27 0.46 2.66 -2.66
C GLY A 27 1.08 3.09 -3.97
N LEU A 28 2.08 3.96 -3.89
CA LEU A 28 2.76 4.45 -5.09
C LEU A 28 3.50 3.32 -5.80
N PHE A 29 3.96 2.34 -5.03
CA PHE A 29 4.68 1.20 -5.59
C PHE A 29 3.71 0.24 -6.28
N MET A 30 2.61 -0.06 -5.60
CA MET A 30 1.61 -0.98 -6.15
C MET A 30 0.82 -0.30 -7.27
N ARG A 31 0.80 1.03 -7.26
CA ARG A 31 0.09 1.79 -8.28
C ARG A 31 0.82 1.76 -9.61
N ARG A 32 2.03 1.21 -9.60
CA ARG A 32 2.85 1.11 -10.81
C ARG A 32 2.32 0.02 -11.73
N ARG A 33 1.86 -1.08 -11.14
CA ARG A 33 1.32 -2.20 -11.92
C ARG A 33 -0.20 -2.21 -11.87
N HIS A 34 -0.76 -1.77 -10.75
CA HIS A 34 -2.21 -1.74 -10.58
C HIS A 34 -2.86 -0.89 -11.68
N ILE A 35 -2.09 0.00 -12.27
CA ILE A 35 -2.59 0.86 -13.33
C ILE A 35 -2.41 0.22 -14.70
N VAL A 36 -1.46 -0.71 -14.78
CA VAL A 36 -1.18 -1.41 -16.03
C VAL A 36 -2.29 -2.41 -16.36
N ARG A 37 -2.40 -2.76 -17.64
CA ARG A 37 -3.42 -3.70 -18.09
C ARG A 37 -3.50 -4.89 -17.16
N LYS A 38 -4.55 -4.94 -16.35
CA LYS A 38 -4.75 -6.04 -15.40
C LYS A 38 -4.91 -7.36 -16.14
N ARG A 39 -5.32 -7.29 -17.40
CA ARG A 39 -5.50 -8.49 -18.21
C ARG A 39 -4.20 -9.27 -18.34
N THR A 40 -3.08 -8.55 -18.37
CA THR A 40 -1.77 -9.17 -18.50
C THR A 40 -1.58 -10.26 -17.45
N LEU A 41 -1.72 -9.87 -16.18
CA LEU A 41 -1.57 -10.81 -15.08
C LEU A 41 -2.45 -12.05 -15.27
N ARG A 42 -3.70 -11.81 -15.66
CA ARG A 42 -4.65 -12.90 -15.88
C ARG A 42 -4.15 -13.82 -16.99
N ARG A 43 -3.76 -13.24 -18.12
CA ARG A 43 -3.26 -14.02 -19.25
C ARG A 43 -2.13 -14.94 -18.82
N LEU A 44 -1.30 -14.46 -17.90
CA LEU A 44 -0.17 -15.24 -17.41
C LEU A 44 -0.64 -16.35 -16.47
N LEU A 45 -1.63 -16.02 -15.64
CA LEU A 45 -2.17 -16.98 -14.68
C LEU A 45 -2.86 -18.14 -15.41
N GLN A 46 -3.48 -17.83 -16.55
CA GLN A 46 -4.17 -18.84 -17.33
C GLN A 46 -3.25 -20.02 -17.63
N GLU A 47 -2.03 -19.73 -18.04
CA GLU A 47 -1.05 -20.76 -18.36
C GLU A 47 -0.45 -21.35 -17.08
N ARG A 48 -0.15 -20.50 -16.12
CA ARG A 48 0.42 -20.92 -14.85
C ARG A 48 -0.47 -21.96 -14.17
N GLU A 49 -1.78 -21.83 -14.38
CA GLU A 49 -2.74 -22.75 -13.79
C GLU A 49 -2.66 -24.12 -14.44
N LEU A 50 -2.19 -24.15 -15.69
CA LEU A 50 -2.07 -25.40 -16.43
C LEU A 50 -1.05 -26.33 -15.77
N VAL A 51 0.04 -25.74 -15.27
CA VAL A 51 1.08 -26.50 -14.61
C VAL A 51 1.59 -25.80 -13.36
N GLU A 52 1.06 -26.18 -12.20
CA GLU A 52 1.45 -25.59 -10.94
C GLU A 52 2.60 -26.36 -10.30
N GLY A 53 3.25 -25.74 -9.32
CA GLY A 53 4.36 -26.38 -8.65
C GLY A 53 5.59 -25.50 -8.58
N GLY A 54 5.44 -24.32 -7.99
CA GLY A 54 6.54 -23.40 -7.88
C GLY A 54 6.61 -22.74 -6.52
N GLY A 1 -12.19 25.34 19.32
CA GLY A 1 -11.23 25.59 20.38
C GLY A 1 -9.83 25.15 20.00
N SER A 2 -9.24 24.29 20.82
CA SER A 2 -7.89 23.80 20.57
C SER A 2 -7.73 22.36 21.06
N CYS A 3 -7.07 21.54 20.25
CA CYS A 3 -6.85 20.15 20.60
C CYS A 3 -5.39 19.90 21.01
N LYS A 4 -5.11 18.68 21.44
CA LYS A 4 -3.76 18.32 21.86
C LYS A 4 -3.57 16.81 21.84
N ILE A 5 -2.80 16.33 20.87
CA ILE A 5 -2.53 14.90 20.74
C ILE A 5 -1.84 14.36 21.97
N PRO A 6 -2.36 13.24 22.52
CA PRO A 6 -1.80 12.60 23.70
C PRO A 6 -0.46 11.94 23.43
N SER A 7 0.02 11.15 24.38
CA SER A 7 1.29 10.47 24.24
C SER A 7 1.10 9.09 23.62
N ILE A 8 -0.02 8.44 23.95
CA ILE A 8 -0.31 7.13 23.42
C ILE A 8 -0.66 7.19 21.94
N ALA A 9 -0.98 8.39 21.46
CA ALA A 9 -1.33 8.59 20.06
C ALA A 9 -0.09 8.93 19.24
N THR A 10 1.03 9.14 19.92
CA THR A 10 2.29 9.47 19.25
C THR A 10 2.73 8.36 18.31
N GLY A 11 2.88 7.16 18.86
CA GLY A 11 3.29 6.03 18.05
C GLY A 11 2.48 5.89 16.77
N MET A 12 1.17 6.07 16.88
CA MET A 12 0.28 5.97 15.73
C MET A 12 0.63 7.01 14.68
N VAL A 13 0.84 8.26 15.12
CA VAL A 13 1.18 9.35 14.22
C VAL A 13 2.44 9.02 13.43
N GLY A 14 3.53 8.76 14.14
CA GLY A 14 4.79 8.45 13.50
C GLY A 14 4.65 7.38 12.44
N ALA A 15 3.89 6.33 12.76
CA ALA A 15 3.66 5.23 11.83
C ALA A 15 2.74 5.64 10.69
N LEU A 16 1.78 6.51 11.00
CA LEU A 16 0.84 6.99 10.00
C LEU A 16 1.57 7.69 8.85
N LEU A 17 2.48 8.59 9.19
CA LEU A 17 3.24 9.33 8.19
C LEU A 17 4.20 8.39 7.45
N LEU A 18 4.95 7.61 8.21
CA LEU A 18 5.91 6.67 7.62
C LEU A 18 5.25 5.82 6.55
N LEU A 19 4.20 5.08 6.93
CA LEU A 19 3.49 4.22 5.99
C LEU A 19 3.00 5.02 4.80
N LEU A 20 2.45 6.20 5.06
CA LEU A 20 1.94 7.06 3.99
C LEU A 20 3.03 7.33 2.95
N VAL A 21 4.20 7.76 3.41
CA VAL A 21 5.32 8.04 2.52
C VAL A 21 5.81 6.77 1.83
N VAL A 22 6.01 5.71 2.62
CA VAL A 22 6.48 4.44 2.10
C VAL A 22 5.59 3.95 0.97
N ALA A 23 4.30 3.80 1.26
CA ALA A 23 3.34 3.34 0.26
C ALA A 23 3.25 4.31 -0.91
N LEU A 24 3.42 5.60 -0.62
CA LEU A 24 3.36 6.63 -1.64
C LEU A 24 4.50 6.48 -2.64
N GLY A 25 5.73 6.56 -2.14
CA GLY A 25 6.89 6.42 -3.00
C GLY A 25 6.85 5.15 -3.84
N ILE A 26 6.55 4.03 -3.20
CA ILE A 26 6.48 2.75 -3.89
C ILE A 26 5.31 2.73 -4.87
N GLY A 27 4.17 3.26 -4.45
CA GLY A 27 3.00 3.29 -5.30
C GLY A 27 3.22 4.11 -6.56
N LEU A 28 3.72 5.33 -6.39
CA LEU A 28 3.99 6.22 -7.51
C LEU A 28 5.05 5.64 -8.44
N PHE A 29 5.98 4.88 -7.86
CA PHE A 29 7.05 4.26 -8.62
C PHE A 29 6.53 3.07 -9.42
N MET A 30 5.75 2.22 -8.76
CA MET A 30 5.20 1.04 -9.40
C MET A 30 4.10 1.42 -10.38
N ARG A 31 3.60 2.65 -10.26
CA ARG A 31 2.54 3.15 -11.13
C ARG A 31 3.09 3.44 -12.53
N ARG A 32 4.41 3.37 -12.68
CA ARG A 32 5.05 3.63 -13.96
C ARG A 32 4.88 2.44 -14.90
N ARG A 33 5.00 1.23 -14.35
CA ARG A 33 4.85 0.02 -15.14
C ARG A 33 3.46 -0.58 -14.99
N HIS A 34 2.82 -0.29 -13.86
CA HIS A 34 1.48 -0.79 -13.59
C HIS A 34 0.48 -0.26 -14.61
N ILE A 35 0.88 0.78 -15.34
CA ILE A 35 0.01 1.39 -16.34
C ILE A 35 -0.57 0.33 -17.26
N VAL A 36 0.17 -0.75 -17.47
CA VAL A 36 -0.28 -1.84 -18.33
C VAL A 36 -1.59 -2.44 -17.81
N ARG A 37 -2.33 -3.09 -18.71
CA ARG A 37 -3.60 -3.70 -18.34
C ARG A 37 -3.49 -4.44 -17.01
N LYS A 38 -4.19 -3.93 -16.00
CA LYS A 38 -4.17 -4.54 -14.67
C LYS A 38 -4.57 -6.01 -14.74
N ARG A 39 -5.35 -6.35 -15.76
CA ARG A 39 -5.81 -7.73 -15.94
C ARG A 39 -4.64 -8.70 -15.98
N THR A 40 -3.53 -8.25 -16.57
CA THR A 40 -2.34 -9.07 -16.67
C THR A 40 -1.93 -9.64 -15.31
N LEU A 41 -1.73 -8.74 -14.35
CA LEU A 41 -1.34 -9.14 -13.00
C LEU A 41 -2.39 -10.06 -12.38
N ARG A 42 -3.65 -9.70 -12.57
CA ARG A 42 -4.76 -10.49 -12.03
C ARG A 42 -4.70 -11.93 -12.54
N ARG A 43 -4.56 -12.08 -13.85
CA ARG A 43 -4.50 -13.40 -14.47
C ARG A 43 -3.21 -14.12 -14.08
N LEU A 44 -2.15 -13.35 -13.87
CA LEU A 44 -0.86 -13.91 -13.49
C LEU A 44 -0.96 -14.66 -12.17
N LEU A 45 -1.43 -13.97 -11.14
CA LEU A 45 -1.58 -14.57 -9.81
C LEU A 45 -2.60 -15.70 -9.85
N GLN A 46 -3.69 -15.50 -10.59
CA GLN A 46 -4.74 -16.51 -10.70
C GLN A 46 -4.19 -17.79 -11.34
N GLU A 47 -3.35 -17.62 -12.35
CA GLU A 47 -2.76 -18.76 -13.04
C GLU A 47 -1.63 -19.38 -12.23
N ARG A 48 -0.91 -18.53 -11.50
CA ARG A 48 0.21 -18.98 -10.67
C ARG A 48 -0.26 -19.99 -9.63
N GLU A 49 -1.36 -19.66 -8.95
CA GLU A 49 -1.91 -20.53 -7.93
C GLU A 49 -2.43 -21.83 -8.53
N LEU A 50 -1.65 -22.90 -8.41
CA LEU A 50 -2.03 -24.19 -8.95
C LEU A 50 -3.08 -24.86 -8.07
N VAL A 51 -2.70 -25.23 -6.86
CA VAL A 51 -3.61 -25.87 -5.92
C VAL A 51 -4.79 -24.96 -5.61
N GLU A 52 -4.51 -23.69 -5.34
CA GLU A 52 -5.55 -22.72 -5.03
C GLU A 52 -6.22 -22.21 -6.30
N GLY A 53 -7.55 -22.28 -6.34
CA GLY A 53 -8.28 -21.82 -7.50
C GLY A 53 -9.65 -22.48 -7.62
N GLY A 54 -10.33 -22.63 -6.49
CA GLY A 54 -11.64 -23.26 -6.50
C GLY A 54 -12.52 -22.77 -5.36
N GLY A 1 -12.31 15.09 20.57
CA GLY A 1 -11.84 16.47 20.52
C GLY A 1 -10.60 16.64 19.67
N SER A 2 -9.82 15.56 19.55
CA SER A 2 -8.60 15.59 18.77
C SER A 2 -7.71 16.75 19.19
N CYS A 3 -7.77 17.10 20.47
CA CYS A 3 -6.97 18.19 21.00
C CYS A 3 -5.74 17.67 21.74
N LYS A 4 -5.85 16.45 22.27
CA LYS A 4 -4.75 15.83 22.99
C LYS A 4 -4.42 14.45 22.40
N ILE A 5 -3.24 14.34 21.80
CA ILE A 5 -2.80 13.10 21.20
C ILE A 5 -2.03 12.25 22.20
N PRO A 6 -2.35 10.95 22.27
CA PRO A 6 -1.68 10.01 23.17
C PRO A 6 -0.25 9.73 22.76
N SER A 7 0.34 8.69 23.35
CA SER A 7 1.72 8.32 23.06
C SER A 7 1.78 6.97 22.36
N ILE A 8 0.87 6.07 22.73
CA ILE A 8 0.81 4.75 22.14
C ILE A 8 0.32 4.81 20.70
N ALA A 9 -0.18 5.97 20.30
CA ALA A 9 -0.68 6.16 18.95
C ALA A 9 0.31 6.95 18.10
N THR A 10 1.35 7.46 18.74
CA THR A 10 2.37 8.24 18.04
C THR A 10 3.10 7.38 17.01
N GLY A 11 3.66 6.26 17.45
CA GLY A 11 4.37 5.38 16.55
C GLY A 11 3.58 5.06 15.30
N MET A 12 2.29 4.80 15.48
CA MET A 12 1.41 4.48 14.35
C MET A 12 1.34 5.64 13.37
N VAL A 13 1.13 6.84 13.90
CA VAL A 13 1.03 8.04 13.08
C VAL A 13 2.29 8.21 12.21
N GLY A 14 3.44 8.28 12.86
CA GLY A 14 4.69 8.44 12.14
C GLY A 14 4.84 7.44 11.02
N ALA A 15 4.50 6.18 11.29
CA ALA A 15 4.60 5.13 10.29
C ALA A 15 3.53 5.29 9.23
N LEU A 16 2.36 5.76 9.63
CA LEU A 16 1.25 5.95 8.71
C LEU A 16 1.63 6.91 7.58
N LEU A 17 2.21 8.05 7.96
CA LEU A 17 2.63 9.05 6.98
C LEU A 17 3.79 8.54 6.15
N LEU A 18 4.81 8.01 6.82
CA LEU A 18 5.98 7.48 6.13
C LEU A 18 5.58 6.51 5.02
N LEU A 19 4.87 5.45 5.39
CA LEU A 19 4.41 4.46 4.41
C LEU A 19 3.62 5.12 3.29
N LEU A 20 2.73 6.03 3.66
CA LEU A 20 1.90 6.74 2.68
C LEU A 20 2.78 7.40 1.63
N VAL A 21 3.78 8.16 2.07
CA VAL A 21 4.68 8.86 1.17
C VAL A 21 5.52 7.86 0.37
N VAL A 22 6.12 6.90 1.08
CA VAL A 22 6.94 5.89 0.43
C VAL A 22 6.18 5.19 -0.69
N ALA A 23 5.05 4.59 -0.35
CA ALA A 23 4.23 3.89 -1.33
C ALA A 23 3.76 4.83 -2.43
N LEU A 24 3.51 6.08 -2.06
CA LEU A 24 3.05 7.09 -3.02
C LEU A 24 4.12 7.37 -4.06
N GLY A 25 5.27 7.85 -3.61
CA GLY A 25 6.36 8.16 -4.52
C GLY A 25 6.68 7.00 -5.44
N ILE A 26 6.78 5.80 -4.88
CA ILE A 26 7.09 4.61 -5.66
C ILE A 26 5.94 4.27 -6.61
N GLY A 27 4.72 4.28 -6.07
CA GLY A 27 3.56 3.97 -6.88
C GLY A 27 3.41 4.90 -8.07
N LEU A 28 3.58 6.20 -7.83
CA LEU A 28 3.46 7.19 -8.89
C LEU A 28 4.61 7.07 -9.88
N PHE A 29 5.76 6.62 -9.39
CA PHE A 29 6.94 6.46 -10.24
C PHE A 29 6.80 5.23 -11.13
N MET A 30 6.28 4.15 -10.56
CA MET A 30 6.11 2.90 -11.30
C MET A 30 5.01 3.05 -12.35
N ARG A 31 4.27 4.15 -12.28
CA ARG A 31 3.18 4.42 -13.21
C ARG A 31 3.65 4.24 -14.65
N ARG A 32 4.94 4.49 -14.88
CA ARG A 32 5.51 4.36 -16.22
C ARG A 32 5.46 2.91 -16.70
N ARG A 33 5.72 1.98 -15.77
CA ARG A 33 5.70 0.55 -16.10
C ARG A 33 4.31 -0.03 -15.91
N HIS A 34 3.55 0.54 -14.99
CA HIS A 34 2.19 0.08 -14.71
C HIS A 34 1.28 0.30 -15.91
N ILE A 35 1.75 1.11 -16.86
CA ILE A 35 0.97 1.41 -18.05
C ILE A 35 0.46 0.13 -18.70
N VAL A 36 1.21 -0.96 -18.54
CA VAL A 36 0.82 -2.25 -19.09
C VAL A 36 -0.49 -2.75 -18.50
N ARG A 37 -1.18 -3.62 -19.22
CA ARG A 37 -2.44 -4.17 -18.76
C ARG A 37 -2.32 -4.67 -17.33
N LYS A 38 -2.88 -3.90 -16.38
CA LYS A 38 -2.84 -4.27 -14.98
C LYS A 38 -3.57 -5.58 -14.74
N ARG A 39 -4.43 -5.96 -15.67
CA ARG A 39 -5.20 -7.20 -15.56
C ARG A 39 -4.27 -8.39 -15.38
N THR A 40 -3.10 -8.33 -16.00
CA THR A 40 -2.12 -9.41 -15.92
C THR A 40 -1.84 -9.78 -14.46
N LEU A 41 -1.92 -8.79 -13.58
CA LEU A 41 -1.68 -9.01 -12.16
C LEU A 41 -2.83 -9.77 -11.52
N ARG A 42 -4.05 -9.36 -11.84
CA ARG A 42 -5.25 -10.00 -11.29
C ARG A 42 -5.35 -11.44 -11.77
N ARG A 43 -4.97 -11.68 -13.03
CA ARG A 43 -5.03 -13.01 -13.61
C ARG A 43 -3.90 -13.89 -13.06
N LEU A 44 -2.67 -13.38 -13.15
CA LEU A 44 -1.51 -14.12 -12.66
C LEU A 44 -1.63 -14.41 -11.18
N LEU A 45 -2.38 -13.57 -10.46
CA LEU A 45 -2.57 -13.73 -9.03
C LEU A 45 -3.41 -14.97 -8.74
N GLN A 46 -4.56 -15.08 -9.41
CA GLN A 46 -5.45 -16.21 -9.22
C GLN A 46 -4.72 -17.53 -9.47
N GLU A 47 -3.69 -17.48 -10.30
CA GLU A 47 -2.90 -18.67 -10.63
C GLU A 47 -1.93 -19.00 -9.50
N ARG A 48 -1.26 -17.97 -8.98
CA ARG A 48 -0.30 -18.16 -7.90
C ARG A 48 -0.99 -18.70 -6.64
N GLU A 49 -2.09 -18.05 -6.26
CA GLU A 49 -2.84 -18.46 -5.08
C GLU A 49 -3.47 -19.84 -5.28
N LEU A 50 -3.42 -20.67 -4.25
CA LEU A 50 -3.98 -22.02 -4.32
C LEU A 50 -5.37 -22.05 -3.70
N VAL A 51 -5.50 -21.45 -2.52
CA VAL A 51 -6.79 -21.41 -1.83
C VAL A 51 -7.03 -20.04 -1.19
N GLU A 52 -7.94 -19.27 -1.78
CA GLU A 52 -8.26 -17.95 -1.27
C GLU A 52 -8.73 -18.02 0.18
N GLY A 53 -8.50 -16.94 0.92
CA GLY A 53 -8.90 -16.90 2.32
C GLY A 53 -8.04 -15.97 3.14
N GLY A 54 -8.24 -15.98 4.45
CA GLY A 54 -7.48 -15.12 5.34
C GLY A 54 -7.42 -15.65 6.76
N GLY A 1 -2.50 27.68 26.86
CA GLY A 1 -2.38 26.64 25.85
C GLY A 1 -1.35 25.59 26.22
N SER A 2 -1.70 24.72 27.16
CA SER A 2 -0.78 23.67 27.61
C SER A 2 -0.99 22.40 26.79
N CYS A 3 0.12 21.81 26.36
CA CYS A 3 0.06 20.58 25.56
C CYS A 3 -0.40 19.40 26.41
N LYS A 4 -1.51 18.80 26.02
CA LYS A 4 -2.07 17.66 26.74
C LYS A 4 -2.51 16.56 25.79
N ILE A 5 -1.56 16.03 25.02
CA ILE A 5 -1.84 14.97 24.07
C ILE A 5 -1.22 13.65 24.50
N PRO A 6 -2.02 12.57 24.41
CA PRO A 6 -1.57 11.22 24.80
C PRO A 6 -0.54 10.66 23.83
N SER A 7 -0.13 9.41 24.06
CA SER A 7 0.86 8.77 23.21
C SER A 7 0.19 7.76 22.27
N ILE A 8 -0.88 7.13 22.75
CA ILE A 8 -1.61 6.14 21.97
C ILE A 8 -2.07 6.73 20.65
N ALA A 9 -2.15 8.06 20.58
CA ALA A 9 -2.57 8.76 19.38
C ALA A 9 -1.38 9.20 18.54
N THR A 10 -0.26 9.45 19.21
CA THR A 10 0.95 9.88 18.53
C THR A 10 1.49 8.79 17.60
N GLY A 11 1.73 7.61 18.16
CA GLY A 11 2.23 6.51 17.37
C GLY A 11 1.43 6.29 16.11
N MET A 12 0.11 6.39 16.22
CA MET A 12 -0.77 6.19 15.07
C MET A 12 -0.51 7.24 14.00
N VAL A 13 -0.48 8.50 14.41
CA VAL A 13 -0.24 9.60 13.49
C VAL A 13 1.04 9.39 12.71
N GLY A 14 2.15 9.23 13.42
CA GLY A 14 3.43 9.03 12.77
C GLY A 14 3.38 7.92 11.73
N ALA A 15 2.74 6.80 12.09
CA ALA A 15 2.63 5.67 11.19
C ALA A 15 1.68 5.99 10.03
N LEU A 16 0.63 6.76 10.32
CA LEU A 16 -0.35 7.13 9.31
C LEU A 16 0.32 7.87 8.15
N LEU A 17 1.13 8.86 8.48
CA LEU A 17 1.84 9.64 7.46
C LEU A 17 2.87 8.78 6.74
N LEU A 18 3.69 8.07 7.51
CA LEU A 18 4.72 7.21 6.96
C LEU A 18 4.14 6.28 5.90
N LEU A 19 3.17 5.47 6.30
CA LEU A 19 2.53 4.53 5.38
C LEU A 19 1.99 5.25 4.15
N LEU A 20 1.35 6.40 4.38
CA LEU A 20 0.79 7.19 3.28
C LEU A 20 1.86 7.52 2.25
N VAL A 21 2.98 8.05 2.71
CA VAL A 21 4.08 8.40 1.82
C VAL A 21 4.70 7.16 1.19
N VAL A 22 4.95 6.15 2.00
CA VAL A 22 5.53 4.91 1.51
C VAL A 22 4.71 4.33 0.36
N ALA A 23 3.43 4.08 0.63
CA ALA A 23 2.54 3.52 -0.38
C ALA A 23 2.38 4.48 -1.56
N LEU A 24 2.43 5.78 -1.28
CA LEU A 24 2.30 6.79 -2.33
C LEU A 24 3.47 6.71 -3.31
N GLY A 25 4.68 6.91 -2.80
CA GLY A 25 5.86 6.87 -3.64
C GLY A 25 5.94 5.59 -4.46
N ILE A 26 5.74 4.46 -3.80
CA ILE A 26 5.78 3.16 -4.46
C ILE A 26 4.65 3.01 -5.46
N GLY A 27 3.46 3.47 -5.06
CA GLY A 27 2.31 3.39 -5.95
C GLY A 27 2.48 4.20 -7.21
N LEU A 28 2.87 5.46 -7.06
CA LEU A 28 3.07 6.35 -8.20
C LEU A 28 4.20 5.84 -9.09
N PHE A 29 5.16 5.16 -8.48
CA PHE A 29 6.31 4.63 -9.21
C PHE A 29 5.91 3.39 -10.01
N MET A 30 5.18 2.50 -9.37
CA MET A 30 4.73 1.26 -10.02
C MET A 30 3.63 1.57 -11.04
N ARG A 31 3.13 2.80 -11.02
CA ARG A 31 2.07 3.20 -11.95
C ARG A 31 2.62 3.33 -13.37
N ARG A 32 3.93 3.24 -13.50
CA ARG A 32 4.57 3.34 -14.81
C ARG A 32 4.62 1.98 -15.49
N ARG A 33 4.92 0.95 -14.72
CA ARG A 33 5.01 -0.42 -15.26
C ARG A 33 3.63 -1.08 -15.26
N HIS A 34 2.81 -0.72 -14.28
CA HIS A 34 1.46 -1.29 -14.17
C HIS A 34 0.62 -0.90 -15.37
N ILE A 35 1.08 0.09 -16.12
CA ILE A 35 0.36 0.56 -17.30
C ILE A 35 0.01 -0.60 -18.22
N VAL A 36 0.82 -1.65 -18.19
CA VAL A 36 0.59 -2.83 -19.02
C VAL A 36 -0.67 -3.57 -18.58
N ARG A 37 -1.24 -4.34 -19.50
CA ARG A 37 -2.44 -5.11 -19.21
C ARG A 37 -2.28 -5.90 -17.91
N LYS A 38 -2.94 -5.45 -16.86
CA LYS A 38 -2.88 -6.11 -15.56
C LYS A 38 -3.43 -7.53 -15.65
N ARG A 39 -4.29 -7.77 -16.64
CA ARG A 39 -4.89 -9.08 -16.83
C ARG A 39 -3.82 -10.13 -17.09
N THR A 40 -2.76 -9.73 -17.78
CA THR A 40 -1.66 -10.63 -18.10
C THR A 40 -1.16 -11.35 -16.85
N LEU A 41 -0.76 -10.57 -15.85
CA LEU A 41 -0.25 -11.12 -14.60
C LEU A 41 -1.36 -11.85 -13.84
N ARG A 42 -2.58 -11.33 -13.94
CA ARG A 42 -3.72 -11.93 -13.27
C ARG A 42 -3.94 -13.37 -13.75
N ARG A 43 -3.97 -13.55 -15.06
CA ARG A 43 -4.17 -14.87 -15.65
C ARG A 43 -3.06 -15.82 -15.23
N LEU A 44 -1.87 -15.27 -15.03
CA LEU A 44 -0.71 -16.07 -14.63
C LEU A 44 -0.89 -16.61 -13.21
N LEU A 45 -1.48 -15.80 -12.35
CA LEU A 45 -1.70 -16.19 -10.96
C LEU A 45 -2.61 -17.42 -10.89
N GLN A 46 -3.58 -17.48 -11.79
CA GLN A 46 -4.52 -18.60 -11.83
C GLN A 46 -3.78 -19.92 -12.00
N GLU A 47 -2.71 -19.90 -12.79
CA GLU A 47 -1.92 -21.09 -13.04
C GLU A 47 -0.89 -21.31 -11.94
N ARG A 48 -0.47 -20.22 -11.31
CA ARG A 48 0.51 -20.28 -10.23
C ARG A 48 -0.12 -20.81 -8.95
N GLU A 49 -1.45 -20.76 -8.88
CA GLU A 49 -2.17 -21.24 -7.71
C GLU A 49 -1.58 -20.64 -6.43
N LEU A 50 -1.50 -19.33 -6.38
CA LEU A 50 -0.94 -18.64 -5.22
C LEU A 50 -2.06 -18.08 -4.34
N VAL A 51 -3.13 -17.59 -4.98
CA VAL A 51 -4.26 -17.04 -4.26
C VAL A 51 -5.57 -17.41 -4.93
N GLU A 52 -6.26 -18.40 -4.37
CA GLU A 52 -7.54 -18.85 -4.92
C GLU A 52 -8.53 -17.69 -5.03
N GLY A 53 -8.59 -16.87 -3.99
CA GLY A 53 -9.49 -15.73 -3.99
C GLY A 53 -9.92 -15.33 -2.60
N GLY A 54 -11.24 -15.29 -2.37
CA GLY A 54 -11.75 -14.92 -1.07
C GLY A 54 -12.39 -13.54 -1.07
N GLY A 1 0.13 29.37 19.40
CA GLY A 1 -1.21 29.01 19.84
C GLY A 1 -1.19 28.11 21.05
N SER A 2 -2.20 27.24 21.15
CA SER A 2 -2.30 26.32 22.29
C SER A 2 -2.88 24.98 21.85
N CYS A 3 -2.04 23.96 21.82
CA CYS A 3 -2.47 22.63 21.41
C CYS A 3 -2.19 21.61 22.51
N LYS A 4 -2.96 20.52 22.52
CA LYS A 4 -2.80 19.47 23.51
C LYS A 4 -2.93 18.09 22.88
N ILE A 5 -1.83 17.33 22.89
CA ILE A 5 -1.83 15.99 22.30
C ILE A 5 -1.39 14.96 23.33
N PRO A 6 -2.12 13.84 23.40
CA PRO A 6 -1.81 12.75 24.33
C PRO A 6 -0.53 12.00 23.96
N SER A 7 -0.31 10.87 24.61
CA SER A 7 0.88 10.06 24.35
C SER A 7 0.52 8.75 23.68
N ILE A 8 -0.64 8.19 24.06
CA ILE A 8 -1.10 6.94 23.49
C ILE A 8 -1.50 7.11 22.03
N ALA A 9 -1.61 8.35 21.59
CA ALA A 9 -1.98 8.66 20.21
C ALA A 9 -0.76 9.03 19.38
N THR A 10 0.36 9.25 20.06
CA THR A 10 1.61 9.62 19.39
C THR A 10 2.08 8.50 18.46
N GLY A 11 2.25 7.31 19.03
CA GLY A 11 2.69 6.18 18.24
C GLY A 11 1.90 6.00 16.97
N MET A 12 0.58 6.16 17.07
CA MET A 12 -0.29 6.03 15.91
C MET A 12 0.04 7.07 14.85
N VAL A 13 0.21 8.32 15.29
CA VAL A 13 0.52 9.41 14.37
C VAL A 13 1.79 9.12 13.59
N GLY A 14 2.89 8.89 14.31
CA GLY A 14 4.16 8.59 13.66
C GLY A 14 4.03 7.50 12.62
N ALA A 15 3.31 6.44 12.97
CA ALA A 15 3.12 5.32 12.05
C ALA A 15 2.19 5.69 10.90
N LEU A 16 1.21 6.55 11.19
CA LEU A 16 0.26 6.99 10.18
C LEU A 16 0.97 7.68 9.03
N LEU A 17 1.85 8.61 9.36
CA LEU A 17 2.60 9.35 8.34
C LEU A 17 3.58 8.43 7.63
N LEU A 18 4.35 7.67 8.39
CA LEU A 18 5.32 6.75 7.83
C LEU A 18 4.68 5.86 6.76
N LEU A 19 3.66 5.11 7.15
CA LEU A 19 2.96 4.23 6.23
C LEU A 19 2.46 5.00 5.01
N LEU A 20 1.89 6.17 5.26
CA LEU A 20 1.37 7.00 4.18
C LEU A 20 2.45 7.28 3.13
N VAL A 21 3.61 7.73 3.59
CA VAL A 21 4.73 8.03 2.69
C VAL A 21 5.25 6.76 2.03
N VAL A 22 5.47 5.72 2.83
CA VAL A 22 5.96 4.46 2.32
C VAL A 22 5.08 3.93 1.19
N ALA A 23 3.80 3.75 1.49
CA ALA A 23 2.85 3.26 0.51
C ALA A 23 2.73 4.21 -0.68
N LEU A 24 2.87 5.50 -0.40
CA LEU A 24 2.79 6.53 -1.44
C LEU A 24 3.93 6.38 -2.44
N GLY A 25 5.16 6.51 -1.95
CA GLY A 25 6.33 6.38 -2.80
C GLY A 25 6.31 5.11 -3.62
N ILE A 26 6.03 3.99 -2.98
CA ILE A 26 5.99 2.70 -3.65
C ILE A 26 4.82 2.64 -4.63
N GLY A 27 3.67 3.16 -4.21
CA GLY A 27 2.50 3.14 -5.06
C GLY A 27 2.69 3.96 -6.32
N LEU A 28 3.18 5.19 -6.16
CA LEU A 28 3.41 6.06 -7.31
C LEU A 28 4.48 5.50 -8.22
N PHE A 29 5.43 4.77 -7.64
CA PHE A 29 6.52 4.18 -8.41
C PHE A 29 6.03 2.96 -9.18
N MET A 30 5.29 2.09 -8.51
CA MET A 30 4.76 0.89 -9.14
C MET A 30 3.64 1.23 -10.11
N ARG A 31 3.19 2.48 -10.06
CA ARG A 31 2.11 2.94 -10.95
C ARG A 31 2.65 3.28 -12.33
N ARG A 32 3.98 3.28 -12.46
CA ARG A 32 4.62 3.60 -13.73
C ARG A 32 4.52 2.43 -14.70
N ARG A 33 4.68 1.21 -14.18
CA ARG A 33 4.61 0.01 -15.00
C ARG A 33 3.22 -0.62 -14.92
N HIS A 34 2.53 -0.38 -13.81
CA HIS A 34 1.19 -0.92 -13.62
C HIS A 34 0.22 -0.36 -14.66
N ILE A 35 0.63 0.71 -15.32
CA ILE A 35 -0.20 1.34 -16.34
C ILE A 35 -0.74 0.31 -17.33
N VAL A 36 0.03 -0.75 -17.53
CA VAL A 36 -0.38 -1.81 -18.45
C VAL A 36 -1.67 -2.47 -18.00
N ARG A 37 -2.37 -3.11 -18.95
CA ARG A 37 -3.62 -3.79 -18.63
C ARG A 37 -3.49 -4.62 -17.37
N LYS A 38 -4.18 -4.20 -16.31
CA LYS A 38 -4.14 -4.92 -15.04
C LYS A 38 -4.54 -6.37 -15.24
N ARG A 39 -5.33 -6.65 -16.26
CA ARG A 39 -5.78 -8.01 -16.55
C ARG A 39 -4.58 -8.92 -16.82
N THR A 40 -3.57 -8.37 -17.47
CA THR A 40 -2.36 -9.14 -17.79
C THR A 40 -1.81 -9.84 -16.56
N LEU A 41 -1.52 -9.06 -15.52
CA LEU A 41 -0.98 -9.61 -14.28
C LEU A 41 -1.87 -10.73 -13.75
N ARG A 42 -3.16 -10.61 -13.98
CA ARG A 42 -4.12 -11.62 -13.53
C ARG A 42 -4.03 -12.87 -14.40
N ARG A 43 -3.81 -12.68 -15.68
CA ARG A 43 -3.71 -13.79 -16.62
C ARG A 43 -2.51 -14.67 -16.29
N LEU A 44 -1.39 -14.03 -15.97
CA LEU A 44 -0.17 -14.76 -15.62
C LEU A 44 -0.34 -15.53 -14.31
N LEU A 45 -1.08 -14.94 -13.38
CA LEU A 45 -1.33 -15.56 -12.09
C LEU A 45 -2.02 -16.91 -12.26
N GLN A 46 -2.93 -16.98 -13.23
CA GLN A 46 -3.67 -18.21 -13.49
C GLN A 46 -2.71 -19.37 -13.76
N GLU A 47 -1.65 -19.10 -14.50
CA GLU A 47 -0.66 -20.13 -14.83
C GLU A 47 0.26 -20.38 -13.63
N ARG A 48 0.47 -19.35 -12.83
CA ARG A 48 1.34 -19.46 -11.66
C ARG A 48 0.68 -20.33 -10.57
N GLU A 49 -0.50 -19.92 -10.13
CA GLU A 49 -1.22 -20.66 -9.10
C GLU A 49 -2.12 -21.72 -9.72
N LEU A 50 -1.87 -22.98 -9.37
CA LEU A 50 -2.64 -24.09 -9.89
C LEU A 50 -3.99 -24.21 -9.16
N VAL A 51 -3.95 -24.00 -7.85
CA VAL A 51 -5.17 -24.08 -7.03
C VAL A 51 -5.25 -22.89 -6.07
N GLU A 52 -6.05 -21.90 -6.43
CA GLU A 52 -6.21 -20.71 -5.59
C GLU A 52 -7.50 -20.80 -4.79
N GLY A 53 -7.40 -20.52 -3.49
CA GLY A 53 -8.56 -20.56 -2.63
C GLY A 53 -8.31 -21.33 -1.34
N GLY A 54 -9.16 -22.31 -1.06
CA GLY A 54 -9.00 -23.10 0.15
C GLY A 54 -7.81 -24.04 0.08
#